data_3H41
#
_entry.id   3H41
#
_cell.length_a   95.205
_cell.length_b   59.373
_cell.length_c   61.333
_cell.angle_alpha   90.000
_cell.angle_beta   103.270
_cell.angle_gamma   90.000
#
_symmetry.space_group_name_H-M   'C 1 2 1'
#
loop_
_entity.id
_entity.type
_entity.pdbx_description
1 polymer 'NLP/P60 family protein'
2 non-polymer ALANINE
3 non-polymer 'D-GLUTAMIC ACID'
4 non-polymer 'PHOSPHATE ION'
5 non-polymer 'TETRAETHYLENE GLYCOL'
6 water water
#
_entity_poly.entity_id   1
_entity_poly.type   'polypeptide(L)'
_entity_poly.pdbx_seq_one_letter_code
;GEEKKDSKAFIDVSAATLWTAPDSLRPIDVPSATNPVDLWKWTKS(MSE)TLDEKLWLTNANKLETQALLGQEVTVVDKK
GDWVKVLVHGQPTPRNEEGYPGW(MSE)PEKQLTYNQEFADKTNEPFVLVTKPTAILYINPSEKHKSLEVSYNTRLPLLS
EDTISYRVLLPNGQKAWLRKNDGTFYRSQNDIPTPAADDLINTGK(MSE)FLGLPYIWAGTSGFGFD(OCS)SGFTHTIY
KSHGITIPRDSGPQSRNGVAVDKEHLQKGDLIFFAHDQGKGSVHHVA(MSE)YIGDGN(MSE)IHSPRAERSVEIIPLNT
PGYIEEYAGARRYLP
;
_entity_poly.pdbx_strand_id   A
#
# COMPACT_ATOMS: atom_id res chain seq x y z
N SER A 7 16.38 2.34 -15.85
CA SER A 7 16.49 0.86 -15.76
C SER A 7 15.71 0.29 -14.58
N LYS A 8 15.72 -1.04 -14.50
CA LYS A 8 14.78 -1.79 -13.70
C LYS A 8 15.38 -2.09 -12.33
N ALA A 9 14.60 -1.90 -11.27
CA ALA A 9 15.08 -2.28 -9.97
C ALA A 9 13.90 -2.75 -9.14
N PHE A 10 14.22 -3.34 -8.00
CA PHE A 10 13.21 -3.89 -7.09
C PHE A 10 13.38 -3.37 -5.67
N ILE A 11 12.27 -3.12 -4.99
CA ILE A 11 12.31 -2.74 -3.57
C ILE A 11 12.92 -3.84 -2.72
N ASP A 12 13.89 -3.48 -1.88
CA ASP A 12 14.71 -4.42 -1.12
C ASP A 12 14.44 -4.29 0.38
N VAL A 13 13.37 -3.57 0.76
CA VAL A 13 13.02 -3.42 2.16
C VAL A 13 11.54 -3.77 2.28
N SER A 14 11.11 -4.00 3.51
CA SER A 14 9.69 -4.42 3.70
C SER A 14 8.75 -3.39 3.06
N ALA A 15 8.99 -2.12 3.34
CA ALA A 15 8.36 -1.06 2.60
C ALA A 15 9.26 0.18 2.49
N ALA A 16 9.39 0.67 1.26
CA ALA A 16 10.13 1.90 0.96
C ALA A 16 9.17 3.08 0.90
N THR A 17 9.59 4.19 1.50
CA THR A 17 8.81 5.41 1.51
C THR A 17 9.43 6.35 0.48
N LEU A 18 8.58 6.83 -0.43
CA LEU A 18 9.00 7.72 -1.47
C LEU A 18 8.65 9.18 -1.12
N TRP A 19 9.63 10.04 -1.34
CA TRP A 19 9.58 11.47 -0.92
C TRP A 19 9.35 12.36 -2.14
N THR A 20 8.75 13.54 -1.93
CA THR A 20 8.52 14.47 -3.00
C THR A 20 9.83 15.15 -3.42
N ALA A 21 10.87 15.08 -2.60
CA ALA A 21 12.17 15.61 -2.97
C ALA A 21 13.18 14.76 -2.27
N PRO A 22 14.39 14.64 -2.83
CA PRO A 22 15.41 13.88 -2.12
C PRO A 22 15.98 14.68 -0.92
N ASP A 23 16.71 13.99 -0.03
CA ASP A 23 17.40 14.65 1.08
CA ASP A 23 17.41 14.56 1.12
C ASP A 23 16.51 15.46 2.00
N SER A 24 15.27 15.00 2.20
CA SER A 24 14.31 15.77 3.01
C SER A 24 14.02 15.12 4.34
N LEU A 25 14.85 14.18 4.76
CA LEU A 25 14.57 13.42 6.00
C LEU A 25 14.82 14.31 7.22
N ARG A 26 13.98 14.19 8.25
CA ARG A 26 14.38 14.60 9.59
C ARG A 26 15.11 13.47 10.29
N PRO A 27 15.79 13.76 11.39
CA PRO A 27 16.43 12.67 12.14
C PRO A 27 15.44 11.58 12.58
N ILE A 28 14.22 11.95 12.97
CA ILE A 28 13.19 10.98 13.34
C ILE A 28 12.77 10.09 12.16
N ASP A 29 13.05 10.50 10.92
CA ASP A 29 12.64 9.69 9.77
C ASP A 29 13.68 8.64 9.32
N VAL A 30 14.82 8.62 9.98
CA VAL A 30 15.93 7.76 9.61
C VAL A 30 15.53 6.30 9.54
N PRO A 31 14.74 5.80 10.51
CA PRO A 31 14.37 4.38 10.43
C PRO A 31 13.45 3.98 9.23
N SER A 32 12.88 4.96 8.56
CA SER A 32 12.21 4.70 7.29
C SER A 32 13.16 4.59 6.09
N ALA A 33 14.40 5.09 6.24
CA ALA A 33 15.28 5.30 5.08
C ALA A 33 16.46 4.31 5.02
N THR A 34 16.62 3.49 6.05
CA THR A 34 17.70 2.51 6.14
C THR A 34 17.29 1.20 5.45
N ASN A 35 18.28 0.32 5.29
CA ASN A 35 18.03 -1.02 4.81
C ASN A 35 18.74 -1.94 5.77
N PRO A 36 17.99 -2.69 6.60
CA PRO A 36 16.54 -2.75 6.67
C PRO A 36 15.89 -1.53 7.33
N VAL A 37 14.59 -1.39 7.07
CA VAL A 37 13.78 -0.37 7.73
C VAL A 37 13.34 -0.83 9.11
N ASP A 38 12.92 0.13 9.96
CA ASP A 38 12.11 -0.20 11.13
C ASP A 38 10.91 0.73 11.20
N LEU A 39 9.82 0.32 10.57
CA LEU A 39 8.68 1.19 10.39
C LEU A 39 7.79 1.31 11.61
N TRP A 40 7.81 0.33 12.51
CA TRP A 40 7.16 0.49 13.81
C TRP A 40 7.91 1.53 14.66
N LYS A 41 9.23 1.45 14.71
CA LYS A 41 9.99 2.52 15.33
C LYS A 41 9.70 3.88 14.72
N TRP A 42 9.65 3.97 13.39
CA TRP A 42 9.37 5.24 12.74
C TRP A 42 8.03 5.85 13.17
N THR A 43 6.95 5.10 12.99
CA THR A 43 5.61 5.63 13.26
C THR A 43 5.33 5.80 14.75
N LYS A 44 5.80 4.85 15.55
CA LYS A 44 5.46 4.89 16.97
C LYS A 44 6.27 5.96 17.73
N SER A 45 7.39 6.38 17.18
CA SER A 45 8.25 7.41 17.78
CA SER A 45 8.23 7.41 17.80
C SER A 45 7.71 8.83 17.57
N THR A 47 5.30 12.10 17.38
CA THR A 47 4.17 12.83 17.89
C THR A 47 3.16 13.07 16.76
N LEU A 48 1.95 13.48 17.14
CA LEU A 48 0.97 13.92 16.15
C LEU A 48 1.50 15.02 15.22
N ASP A 49 2.10 16.07 15.80
CA ASP A 49 2.62 17.17 14.98
C ASP A 49 3.65 16.63 13.98
N GLU A 50 4.47 15.68 14.44
CA GLU A 50 5.53 15.13 13.55
C GLU A 50 4.93 14.32 12.38
N LYS A 51 3.82 13.63 12.63
CA LYS A 51 3.10 12.93 11.59
C LYS A 51 2.46 13.90 10.61
N LEU A 52 1.85 14.96 11.15
CA LEU A 52 1.13 15.94 10.30
C LEU A 52 2.05 16.71 9.37
N TRP A 53 3.28 16.94 9.81
CA TRP A 53 4.31 17.55 8.95
C TRP A 53 4.52 16.86 7.60
N LEU A 54 4.44 15.54 7.62
CA LEU A 54 4.52 14.76 6.37
C LEU A 54 3.52 15.22 5.31
N THR A 55 2.26 15.48 5.74
CA THR A 55 1.22 16.02 4.89
C THR A 55 1.37 17.53 4.65
N ASN A 56 1.50 18.29 5.74
CA ASN A 56 1.42 19.75 5.61
C ASN A 56 2.64 20.38 4.96
N ALA A 57 3.81 19.75 5.05
CA ALA A 57 4.98 20.20 4.31
C ALA A 57 5.12 19.43 2.99
N ASN A 58 4.09 18.69 2.62
CA ASN A 58 4.03 17.95 1.34
C ASN A 58 5.31 17.15 1.04
N LYS A 59 5.60 16.21 1.94
CA LYS A 59 6.88 15.51 1.95
C LYS A 59 6.91 14.17 1.25
N LEU A 60 5.79 13.45 1.24
CA LEU A 60 5.70 12.07 0.78
C LEU A 60 4.81 11.85 -0.44
N GLU A 61 5.13 10.79 -1.17
CA GLU A 61 4.42 10.42 -2.38
C GLU A 61 3.64 9.14 -2.19
N THR A 62 4.33 8.07 -1.80
CA THR A 62 3.70 6.77 -1.67
C THR A 62 4.66 5.84 -0.93
N GLN A 63 4.26 4.59 -0.78
CA GLN A 63 5.19 3.58 -0.32
C GLN A 63 5.10 2.40 -1.25
N ALA A 64 6.22 1.68 -1.41
CA ALA A 64 6.28 0.50 -2.28
C ALA A 64 6.77 -0.66 -1.46
N LEU A 65 6.18 -1.84 -1.68
CA LEU A 65 6.54 -3.02 -0.87
C LEU A 65 7.73 -3.83 -1.41
N LEU A 66 8.38 -4.56 -0.50
CA LEU A 66 9.38 -5.56 -0.84
C LEU A 66 9.02 -6.29 -2.12
N GLY A 67 9.96 -6.32 -3.06
CA GLY A 67 9.75 -6.99 -4.34
C GLY A 67 9.03 -6.23 -5.45
N GLN A 68 8.39 -5.10 -5.12
CA GLN A 68 7.71 -4.31 -6.14
C GLN A 68 8.76 -3.75 -7.11
N GLU A 69 8.39 -3.74 -8.39
CA GLU A 69 9.30 -3.29 -9.44
C GLU A 69 9.18 -1.78 -9.62
N VAL A 70 10.31 -1.13 -9.89
CA VAL A 70 10.33 0.28 -10.17
C VAL A 70 11.20 0.53 -11.41
N THR A 71 10.96 1.67 -12.06
CA THR A 71 11.86 2.20 -13.08
C THR A 71 12.67 3.35 -12.47
N VAL A 72 13.99 3.24 -12.48
CA VAL A 72 14.86 4.30 -11.96
C VAL A 72 15.02 5.35 -13.06
N VAL A 73 14.63 6.59 -12.77
CA VAL A 73 14.65 7.68 -13.76
C VAL A 73 15.62 8.85 -13.50
N ASP A 74 16.13 8.99 -12.26
CA ASP A 74 17.06 10.08 -11.94
C ASP A 74 17.81 9.67 -10.70
N LYS A 75 18.95 10.32 -10.45
CA LYS A 75 19.79 10.05 -9.29
C LYS A 75 20.44 11.34 -8.83
N LYS A 76 20.29 11.67 -7.56
CA LYS A 76 20.95 12.82 -6.96
C LYS A 76 21.61 12.35 -5.68
N GLY A 77 22.92 12.27 -5.69
CA GLY A 77 23.66 11.74 -4.55
C GLY A 77 23.24 10.32 -4.20
N ASP A 78 22.88 10.09 -2.95
CA ASP A 78 22.43 8.77 -2.47
C ASP A 78 20.94 8.47 -2.78
N TRP A 79 20.25 9.43 -3.39
CA TRP A 79 18.82 9.29 -3.69
C TRP A 79 18.54 9.04 -5.16
N VAL A 80 17.53 8.21 -5.43
CA VAL A 80 17.02 8.01 -6.79
C VAL A 80 15.57 8.42 -6.88
N LYS A 81 15.17 8.84 -8.08
CA LYS A 81 13.80 9.06 -8.40
C LYS A 81 13.38 7.83 -9.17
N VAL A 82 12.20 7.29 -8.80
CA VAL A 82 11.69 6.02 -9.33
C VAL A 82 10.22 6.17 -9.70
N LEU A 83 9.77 5.34 -10.62
CA LEU A 83 8.36 5.19 -10.92
C LEU A 83 7.92 3.79 -10.44
N VAL A 84 6.96 3.76 -9.52
CA VAL A 84 6.50 2.52 -8.93
C VAL A 84 5.46 1.87 -9.81
N HIS A 85 5.80 0.70 -10.32
CA HIS A 85 4.88 0.01 -11.22
C HIS A 85 3.74 -0.51 -10.34
N GLY A 86 2.54 -0.45 -10.90
CA GLY A 86 1.36 -1.03 -10.25
C GLY A 86 0.63 -0.08 -9.33
N GLN A 87 1.03 1.19 -9.34
CA GLN A 87 0.36 2.23 -8.62
C GLN A 87 -0.09 3.29 -9.60
N PRO A 88 -1.27 3.10 -10.19
CA PRO A 88 -1.65 4.04 -11.27
C PRO A 88 -1.85 5.49 -10.82
N THR A 89 -1.41 6.42 -11.66
CA THR A 89 -1.59 7.83 -11.41
C THR A 89 -1.62 8.57 -12.75
N PRO A 90 -2.48 9.60 -12.87
CA PRO A 90 -2.43 10.43 -14.09
C PRO A 90 -1.13 11.20 -14.24
N ARG A 91 -0.32 11.30 -13.19
CA ARG A 91 0.94 12.05 -13.22
C ARG A 91 2.01 11.41 -14.12
N ASN A 92 1.92 10.11 -14.34
CA ASN A 92 2.94 9.37 -15.07
C ASN A 92 2.41 8.03 -15.53
N GLU A 93 2.58 7.76 -16.82
CA GLU A 93 1.96 6.59 -17.39
CA GLU A 93 2.04 6.58 -17.50
C GLU A 93 2.70 5.29 -17.03
N GLU A 94 3.93 5.38 -16.52
CA GLU A 94 4.70 4.17 -16.18
C GLU A 94 4.59 3.75 -14.72
N GLY A 95 4.37 4.71 -13.84
CA GLY A 95 4.32 4.39 -12.41
C GLY A 95 4.27 5.63 -11.54
N TYR A 96 4.14 5.40 -10.23
CA TYR A 96 4.01 6.47 -9.26
C TYR A 96 5.36 7.03 -8.93
N PRO A 97 5.53 8.35 -9.12
CA PRO A 97 6.86 8.91 -8.96
C PRO A 97 7.21 9.31 -7.52
N GLY A 98 8.48 9.23 -7.21
CA GLY A 98 8.99 9.79 -5.98
C GLY A 98 10.44 9.42 -5.72
N TRP A 99 11.01 9.99 -4.69
CA TRP A 99 12.42 9.85 -4.34
C TRP A 99 12.62 8.93 -3.15
N PRO A 101 15.96 6.32 -1.03
CA PRO A 101 17.40 5.97 -1.01
C PRO A 101 17.73 4.84 -1.93
N GLU A 102 18.78 5.00 -2.72
CA GLU A 102 19.23 3.93 -3.62
C GLU A 102 19.52 2.62 -2.90
N LYS A 103 19.98 2.72 -1.67
CA LYS A 103 20.31 1.55 -0.88
C LYS A 103 19.12 0.68 -0.50
N GLN A 104 17.91 1.17 -0.78
CA GLN A 104 16.69 0.40 -0.57
C GLN A 104 16.22 -0.35 -1.82
N LEU A 105 17.04 -0.33 -2.87
CA LEU A 105 16.73 -1.00 -4.16
C LEU A 105 17.73 -2.13 -4.34
N THR A 106 17.33 -3.15 -5.12
CA THR A 106 18.26 -4.17 -5.50
C THR A 106 17.93 -4.63 -6.92
N TYR A 107 18.79 -5.50 -7.45
CA TYR A 107 18.48 -6.19 -8.71
C TYR A 107 19.11 -7.57 -8.64
N ASN A 108 18.32 -8.60 -8.86
CA ASN A 108 18.83 -9.96 -8.97
C ASN A 108 18.19 -10.60 -10.20
N GLN A 109 19.01 -11.12 -11.12
CA GLN A 109 18.49 -11.64 -12.38
C GLN A 109 17.50 -12.79 -12.17
N GLU A 110 17.83 -13.70 -11.26
CA GLU A 110 16.92 -14.81 -10.93
C GLU A 110 15.56 -14.30 -10.46
N PHE A 111 15.55 -13.35 -9.52
CA PHE A 111 14.27 -12.72 -9.10
C PHE A 111 13.58 -12.04 -10.28
N ALA A 112 14.32 -11.22 -11.01
CA ALA A 112 13.77 -10.57 -12.21
C ALA A 112 13.14 -11.59 -13.19
N ASP A 113 13.80 -12.71 -13.40
CA ASP A 113 13.25 -13.77 -14.30
C ASP A 113 12.00 -14.46 -13.74
N LYS A 114 11.85 -14.44 -12.42
CA LYS A 114 10.74 -15.16 -11.79
C LYS A 114 9.56 -14.26 -11.44
N THR A 115 9.60 -13.01 -11.90
CA THR A 115 8.57 -12.01 -11.59
CA THR A 115 8.56 -12.04 -11.55
C THR A 115 7.21 -12.40 -12.14
N ASN A 116 7.20 -13.19 -13.20
CA ASN A 116 5.94 -13.60 -13.82
C ASN A 116 5.53 -15.04 -13.48
N GLU A 117 6.17 -15.62 -12.46
CA GLU A 117 5.86 -16.98 -12.00
C GLU A 117 4.85 -16.91 -10.86
N PRO A 118 4.24 -18.06 -10.49
CA PRO A 118 3.34 -18.09 -9.35
C PRO A 118 4.01 -17.54 -8.08
N PHE A 119 3.22 -16.90 -7.23
CA PHE A 119 3.75 -16.15 -6.09
C PHE A 119 2.91 -16.39 -4.86
N VAL A 120 3.52 -16.08 -3.70
CA VAL A 120 2.87 -16.10 -2.44
C VAL A 120 2.52 -14.65 -2.12
N LEU A 121 1.27 -14.43 -1.75
CA LEU A 121 0.79 -13.11 -1.36
C LEU A 121 0.60 -13.15 0.16
N VAL A 122 1.20 -12.21 0.87
CA VAL A 122 1.13 -12.22 2.30
C VAL A 122 -0.29 -11.71 2.68
N THR A 123 -1.01 -12.46 3.51
CA THR A 123 -2.45 -12.23 3.70
C THR A 123 -2.84 -11.88 5.15
N LYS A 124 -1.86 -11.75 6.04
CA LYS A 124 -2.05 -11.15 7.34
C LYS A 124 -1.49 -9.71 7.34
N PRO A 125 -1.91 -8.87 8.30
CA PRO A 125 -1.48 -7.45 8.28
C PRO A 125 0.03 -7.26 8.14
N THR A 126 0.78 -7.98 8.97
CA THR A 126 2.18 -8.22 8.68
C THR A 126 2.47 -9.69 9.02
N ALA A 127 3.62 -10.18 8.57
CA ALA A 127 4.05 -11.55 8.91
C ALA A 127 5.54 -11.59 8.93
N ILE A 128 6.12 -12.59 9.60
CA ILE A 128 7.58 -12.80 9.61
C ILE A 128 8.03 -13.81 8.52
N LEU A 129 8.98 -13.37 7.70
CA LEU A 129 9.72 -14.22 6.77
C LEU A 129 11.04 -14.60 7.42
N TYR A 130 11.42 -15.87 7.31
CA TYR A 130 12.68 -16.40 7.86
C TYR A 130 13.62 -16.72 6.72
N ILE A 131 14.78 -16.08 6.70
CA ILE A 131 15.74 -16.26 5.61
C ILE A 131 16.47 -17.55 5.93
N ASN A 132 16.46 -18.47 4.97
CA ASN A 132 17.02 -19.79 5.10
C ASN A 132 17.44 -20.34 3.73
N PRO A 133 18.74 -20.49 3.50
CA PRO A 133 19.88 -20.26 4.41
C PRO A 133 20.22 -18.78 4.61
N SER A 134 20.75 -18.48 5.79
CA SER A 134 21.17 -17.16 6.15
C SER A 134 22.32 -17.29 7.14
N GLU A 135 23.44 -16.71 6.79
CA GLU A 135 24.65 -16.83 7.59
C GLU A 135 24.42 -16.33 9.00
N LYS A 136 23.64 -15.26 9.14
CA LYS A 136 23.34 -14.71 10.45
C LYS A 136 21.89 -14.92 10.89
N HIS A 137 21.23 -15.93 10.34
CA HIS A 137 19.84 -16.25 10.73
C HIS A 137 18.95 -14.99 10.79
N LYS A 138 18.96 -14.26 9.68
CA LYS A 138 18.12 -13.08 9.51
C LYS A 138 16.66 -13.43 9.23
N SER A 139 15.81 -12.45 9.50
CA SER A 139 14.39 -12.56 9.28
C SER A 139 13.88 -11.16 8.90
N LEU A 140 12.65 -11.09 8.41
CA LEU A 140 12.08 -9.80 7.95
C LEU A 140 10.58 -9.79 8.22
N GLU A 141 10.14 -8.72 8.88
CA GLU A 141 8.68 -8.52 9.01
C GLU A 141 8.16 -7.86 7.70
N VAL A 142 7.24 -8.53 7.02
CA VAL A 142 6.74 -8.05 5.75
C VAL A 142 5.25 -7.68 5.85
N SER A 143 4.83 -6.79 4.95
CA SER A 143 3.44 -6.34 4.90
C SER A 143 2.48 -7.25 4.13
N TYR A 144 1.24 -7.28 4.59
CA TYR A 144 0.08 -7.63 3.78
C TYR A 144 0.33 -7.09 2.38
N ASN A 145 0.05 -7.94 1.40
CA ASN A 145 0.07 -7.58 -0.02
C ASN A 145 1.45 -7.64 -0.67
N THR A 146 2.45 -8.05 0.10
CA THR A 146 3.79 -8.39 -0.43
C THR A 146 3.65 -9.66 -1.30
N ARG A 147 4.25 -9.67 -2.48
CA ARG A 147 4.24 -10.82 -3.37
C ARG A 147 5.66 -11.26 -3.64
N LEU A 148 5.96 -12.53 -3.38
CA LEU A 148 7.26 -13.09 -3.69
C LEU A 148 7.11 -14.42 -4.43
N PRO A 149 8.01 -14.67 -5.40
CA PRO A 149 7.87 -15.93 -6.15
C PRO A 149 7.91 -17.19 -5.27
N LEU A 150 7.02 -18.13 -5.53
CA LEU A 150 6.92 -19.35 -4.79
C LEU A 150 8.01 -20.28 -5.31
N LEU A 151 8.81 -20.83 -4.40
CA LEU A 151 9.77 -21.86 -4.78
C LEU A 151 9.32 -23.28 -4.46
N SER A 152 8.68 -23.47 -3.32
CA SER A 152 8.24 -24.80 -2.85
C SER A 152 7.31 -24.63 -1.67
N GLU A 153 6.62 -25.70 -1.33
CA GLU A 153 5.62 -25.72 -0.25
C GLU A 153 5.75 -27.03 0.49
N ASP A 154 5.73 -26.99 1.82
CA ASP A 154 5.59 -28.23 2.61
C ASP A 154 4.32 -28.15 3.44
N THR A 155 4.20 -29.01 4.45
CA THR A 155 2.99 -29.06 5.24
C THR A 155 2.81 -27.84 6.12
N ILE A 156 3.88 -27.13 6.48
CA ILE A 156 3.73 -25.97 7.36
C ILE A 156 4.06 -24.59 6.74
N SER A 157 4.64 -24.56 5.54
CA SER A 157 5.28 -23.34 5.03
C SER A 157 5.29 -23.21 3.53
N TYR A 158 5.54 -21.99 3.07
CA TYR A 158 5.87 -21.74 1.68
C TYR A 158 7.31 -21.26 1.70
N ARG A 159 8.09 -21.70 0.72
CA ARG A 159 9.39 -21.11 0.46
C ARG A 159 9.30 -20.13 -0.70
N VAL A 160 9.94 -18.97 -0.54
CA VAL A 160 9.89 -17.95 -1.55
C VAL A 160 11.27 -17.37 -1.83
N LEU A 161 11.38 -16.67 -2.94
CA LEU A 161 12.61 -15.97 -3.33
C LEU A 161 12.50 -14.46 -3.02
N LEU A 162 13.48 -13.94 -2.31
CA LEU A 162 13.59 -12.50 -1.99
C LEU A 162 14.24 -11.71 -3.16
N PRO A 163 13.96 -10.41 -3.23
CA PRO A 163 14.48 -9.61 -4.35
C PRO A 163 16.02 -9.57 -4.42
N ASN A 164 16.69 -9.82 -3.31
CA ASN A 164 18.13 -9.88 -3.32
C ASN A 164 18.69 -11.25 -3.74
N GLY A 165 17.81 -12.16 -4.11
CA GLY A 165 18.23 -13.55 -4.46
C GLY A 165 18.35 -14.54 -3.33
N GLN A 166 18.16 -14.11 -2.07
CA GLN A 166 18.10 -15.06 -0.95
C GLN A 166 16.76 -15.79 -0.94
N LYS A 167 16.75 -16.91 -0.24
CA LYS A 167 15.56 -17.73 -0.06
C LYS A 167 15.09 -17.61 1.39
N ALA A 168 13.77 -17.70 1.55
CA ALA A 168 13.09 -17.46 2.81
C ALA A 168 11.85 -18.31 2.88
N TRP A 169 11.28 -18.37 4.07
CA TRP A 169 10.03 -19.09 4.24
C TRP A 169 9.09 -18.41 5.22
N LEU A 170 7.79 -18.67 5.07
CA LEU A 170 6.77 -18.19 5.99
C LEU A 170 5.76 -19.28 6.28
N ARG A 171 5.13 -19.19 7.44
CA ARG A 171 4.05 -20.12 7.78
C ARG A 171 2.95 -20.02 6.76
N LYS A 172 2.37 -21.18 6.41
CA LYS A 172 1.25 -21.21 5.48
C LYS A 172 0.05 -20.34 5.87
N ASN A 173 -0.20 -20.18 7.16
CA ASN A 173 -1.32 -19.38 7.60
C ASN A 173 -1.09 -17.87 7.36
N ASP A 174 0.16 -17.48 7.05
CA ASP A 174 0.48 -16.07 6.80
C ASP A 174 0.35 -15.67 5.35
N GLY A 175 0.05 -16.59 4.46
CA GLY A 175 0.02 -16.28 3.03
C GLY A 175 -0.87 -17.20 2.24
N THR A 176 -1.00 -16.87 0.96
CA THR A 176 -1.80 -17.61 -0.02
CA THR A 176 -1.64 -17.80 0.03
C THR A 176 -1.01 -17.64 -1.31
N PHE A 177 -1.07 -18.70 -2.09
CA PHE A 177 -0.41 -18.57 -3.40
C PHE A 177 -1.38 -18.41 -4.55
N TYR A 178 -0.89 -17.73 -5.57
CA TYR A 178 -1.66 -17.39 -6.77
C TYR A 178 -0.76 -17.46 -8.01
N ARG A 179 -1.35 -17.75 -9.17
CA ARG A 179 -0.59 -17.86 -10.43
C ARG A 179 -0.09 -16.51 -10.92
N SER A 180 -0.87 -15.46 -10.69
CA SER A 180 -0.57 -14.09 -11.14
C SER A 180 -1.62 -13.14 -10.61
N GLN A 181 -1.41 -11.83 -10.79
CA GLN A 181 -2.36 -10.79 -10.31
C GLN A 181 -3.68 -11.05 -10.98
N ASN A 182 -3.57 -11.36 -12.27
CA ASN A 182 -4.72 -11.63 -13.11
C ASN A 182 -5.48 -12.86 -12.70
N ASP A 183 -4.84 -13.76 -11.97
CA ASP A 183 -5.52 -14.97 -11.52
C ASP A 183 -5.96 -15.00 -10.06
N ILE A 184 -5.91 -13.85 -9.40
CA ILE A 184 -6.48 -13.75 -8.07
C ILE A 184 -7.98 -13.76 -8.31
N PRO A 185 -8.71 -14.60 -7.61
CA PRO A 185 -10.13 -14.65 -7.88
C PRO A 185 -10.82 -13.33 -7.62
N THR A 186 -11.90 -13.09 -8.35
CA THR A 186 -12.73 -11.90 -8.14
C THR A 186 -13.38 -11.91 -6.78
N PRO A 187 -13.16 -10.84 -5.99
CA PRO A 187 -13.68 -10.88 -4.62
C PRO A 187 -15.17 -10.61 -4.56
N ALA A 188 -15.82 -11.17 -3.54
CA ALA A 188 -17.12 -10.70 -3.10
C ALA A 188 -16.85 -9.46 -2.25
N ALA A 189 -17.85 -8.62 -2.11
CA ALA A 189 -17.69 -7.41 -1.30
C ALA A 189 -17.30 -7.77 0.13
N ASP A 190 -17.89 -8.83 0.68
CA ASP A 190 -17.52 -9.23 2.04
C ASP A 190 -16.03 -9.56 2.22
N ASP A 191 -15.40 -10.13 1.20
CA ASP A 191 -13.95 -10.41 1.24
C ASP A 191 -13.14 -9.12 1.45
N LEU A 192 -13.50 -8.08 0.71
CA LEU A 192 -12.89 -6.75 0.83
C LEU A 192 -13.07 -6.17 2.23
N ILE A 193 -14.28 -6.33 2.76
CA ILE A 193 -14.63 -5.78 4.04
C ILE A 193 -13.83 -6.52 5.11
N ASN A 194 -13.77 -7.83 4.98
CA ASN A 194 -13.09 -8.65 5.94
C ASN A 194 -11.62 -8.33 5.92
N THR A 195 -11.10 -8.06 4.73
CA THR A 195 -9.71 -7.62 4.58
C THR A 195 -9.46 -6.32 5.37
N GLY A 196 -10.28 -5.33 5.13
CA GLY A 196 -10.18 -4.07 5.85
C GLY A 196 -10.26 -4.22 7.34
N LYS A 197 -11.22 -5.02 7.80
CA LYS A 197 -11.38 -5.29 9.23
C LYS A 197 -10.17 -5.83 9.93
N PHE A 199 -7.35 -4.73 9.82
CA PHE A 199 -6.49 -3.62 10.18
C PHE A 199 -7.08 -2.66 11.20
N LEU A 200 -8.27 -2.94 11.72
CA LEU A 200 -8.92 -2.05 12.68
C LEU A 200 -7.93 -1.70 13.81
N GLY A 201 -7.74 -0.41 14.09
CA GLY A 201 -6.77 0.03 15.11
C GLY A 201 -5.37 0.35 14.63
N LEU A 202 -5.10 0.15 13.35
CA LEU A 202 -3.78 0.48 12.79
C LEU A 202 -3.68 1.99 12.59
N PRO A 203 -2.73 2.64 13.27
CA PRO A 203 -2.60 4.09 13.10
C PRO A 203 -2.29 4.55 11.70
N TYR A 204 -2.94 5.63 11.32
CA TYR A 204 -2.75 6.31 10.05
C TYR A 204 -1.36 6.86 9.87
N ILE A 205 -0.85 6.84 8.64
CA ILE A 205 0.32 7.64 8.29
C ILE A 205 0.09 8.16 6.85
N TRP A 206 0.43 9.42 6.61
CA TRP A 206 0.39 9.98 5.26
C TRP A 206 1.23 9.16 4.30
N ALA A 207 0.69 8.93 3.10
CA ALA A 207 1.29 8.13 2.08
C ALA A 207 1.41 6.64 2.44
N GLY A 208 0.80 6.19 3.53
CA GLY A 208 1.02 4.83 4.02
C GLY A 208 0.35 3.86 3.05
N THR A 209 1.08 2.81 2.65
CA THR A 209 0.61 1.90 1.64
C THR A 209 1.00 0.47 2.04
N SER A 210 0.93 0.20 3.34
CA SER A 210 1.32 -1.11 3.87
C SER A 210 0.65 -1.38 5.24
N GLY A 211 0.77 -2.63 5.71
CA GLY A 211 0.28 -2.99 7.04
C GLY A 211 0.99 -2.38 8.23
N PHE A 212 2.02 -1.57 7.96
CA PHE A 212 2.66 -0.75 9.00
C PHE A 212 1.97 0.60 9.19
N GLY A 213 0.99 0.90 8.34
CA GLY A 213 0.19 2.13 8.44
C GLY A 213 -0.32 2.55 7.06
N PHE A 214 -1.55 3.01 6.99
CA PHE A 214 -2.18 3.44 5.71
C PHE A 214 -2.65 4.89 5.76
N ASP A 215 -2.61 5.58 4.61
CA ASP A 215 -3.51 6.74 4.41
C ASP A 215 -4.79 6.24 3.78
N SER A 217 -6.34 6.51 0.92
CA SER A 217 -6.31 5.97 -0.43
C SER A 217 -5.35 4.80 -0.50
N GLY A 218 -4.29 4.78 0.33
CA GLY A 218 -3.39 3.59 0.35
C GLY A 218 -4.12 2.35 0.85
N PHE A 219 -5.04 2.57 1.79
CA PHE A 219 -5.88 1.49 2.35
C PHE A 219 -6.79 0.90 1.27
N THR A 220 -7.59 1.74 0.64
CA THR A 220 -8.46 1.29 -0.44
C THR A 220 -7.67 0.66 -1.63
N HIS A 221 -6.60 1.30 -2.06
CA HIS A 221 -5.78 0.77 -3.15
C HIS A 221 -5.26 -0.61 -2.78
N THR A 222 -4.76 -0.75 -1.54
CA THR A 222 -4.18 -2.03 -1.08
C THR A 222 -5.20 -3.16 -0.95
N ILE A 223 -6.39 -2.85 -0.44
CA ILE A 223 -7.47 -3.83 -0.28
C ILE A 223 -7.87 -4.35 -1.65
N TYR A 224 -8.09 -3.45 -2.59
CA TYR A 224 -8.48 -3.89 -3.95
C TYR A 224 -7.36 -4.63 -4.67
N LYS A 225 -6.14 -4.13 -4.56
CA LYS A 225 -5.01 -4.69 -5.29
C LYS A 225 -4.71 -6.12 -4.86
N SER A 226 -4.85 -6.35 -3.55
CA SER A 226 -4.63 -7.69 -2.96
C SER A 226 -5.66 -8.72 -3.38
N HIS A 227 -6.78 -8.24 -3.92
CA HIS A 227 -7.85 -9.08 -4.43
C HIS A 227 -7.94 -9.01 -5.96
N GLY A 228 -6.83 -8.62 -6.59
CA GLY A 228 -6.67 -8.67 -8.06
C GLY A 228 -7.20 -7.49 -8.86
N ILE A 229 -7.60 -6.43 -8.19
CA ILE A 229 -8.19 -5.25 -8.88
C ILE A 229 -7.30 -4.03 -8.60
N THR A 230 -6.64 -3.54 -9.65
CA THR A 230 -5.72 -2.43 -9.49
C THR A 230 -6.49 -1.14 -9.75
N ILE A 231 -6.60 -0.33 -8.69
CA ILE A 231 -7.27 0.97 -8.76
C ILE A 231 -6.15 2.02 -8.57
N PRO A 232 -6.40 3.28 -8.92
CA PRO A 232 -5.37 4.31 -8.75
C PRO A 232 -4.91 4.44 -7.31
N ARG A 233 -3.68 4.87 -7.13
CA ARG A 233 -3.13 5.07 -5.81
C ARG A 233 -3.83 6.16 -4.98
N ASP A 234 -4.17 7.29 -5.61
CA ASP A 234 -4.67 8.46 -4.89
C ASP A 234 -6.20 8.61 -4.94
N SER A 235 -6.74 9.38 -3.99
CA SER A 235 -8.19 9.47 -3.82
CA SER A 235 -8.19 9.52 -3.80
C SER A 235 -8.89 10.20 -5.00
N GLY A 236 -8.24 11.21 -5.56
CA GLY A 236 -8.83 11.97 -6.66
C GLY A 236 -9.06 11.07 -7.87
N PRO A 237 -7.99 10.43 -8.35
CA PRO A 237 -8.10 9.44 -9.43
C PRO A 237 -9.02 8.28 -9.10
N GLN A 238 -8.97 7.78 -7.86
CA GLN A 238 -9.91 6.74 -7.48
C GLN A 238 -11.36 7.19 -7.71
N SER A 239 -11.62 8.46 -7.45
CA SER A 239 -12.98 8.98 -7.55
C SER A 239 -13.51 9.08 -9.00
N ARG A 240 -12.60 8.97 -9.97
CA ARG A 240 -12.91 9.13 -11.43
C ARG A 240 -12.65 7.83 -12.21
N ASN A 241 -12.36 6.74 -11.50
CA ASN A 241 -12.27 5.42 -12.11
C ASN A 241 -13.29 4.47 -11.55
N GLY A 242 -13.51 3.33 -12.21
CA GLY A 242 -14.66 2.49 -11.89
C GLY A 242 -15.97 3.13 -12.36
N VAL A 243 -17.09 2.59 -11.91
CA VAL A 243 -18.40 3.02 -12.38
C VAL A 243 -19.12 3.92 -11.34
N ALA A 244 -19.56 5.07 -11.79
CA ALA A 244 -20.29 5.99 -10.95
C ALA A 244 -21.52 5.36 -10.32
N VAL A 245 -21.71 5.58 -9.02
CA VAL A 245 -22.83 5.02 -8.28
C VAL A 245 -23.59 6.17 -7.60
N ASP A 246 -24.91 6.13 -7.65
CA ASP A 246 -25.73 7.20 -7.03
C ASP A 246 -26.04 6.83 -5.58
N LYS A 247 -26.21 7.85 -4.75
CA LYS A 247 -26.38 7.67 -3.29
CA LYS A 247 -26.37 7.65 -3.30
C LYS A 247 -27.42 6.60 -2.95
N GLU A 248 -28.51 6.58 -3.72
CA GLU A 248 -29.60 5.61 -3.50
C GLU A 248 -29.23 4.18 -3.84
N HIS A 249 -28.10 3.98 -4.51
CA HIS A 249 -27.69 2.67 -4.99
C HIS A 249 -26.38 2.14 -4.38
N LEU A 250 -25.96 2.72 -3.27
CA LEU A 250 -24.73 2.30 -2.62
C LEU A 250 -24.80 0.84 -2.20
N GLN A 251 -23.72 0.11 -2.48
CA GLN A 251 -23.58 -1.29 -2.10
C GLN A 251 -22.26 -1.52 -1.36
N LYS A 252 -22.23 -2.57 -0.56
CA LYS A 252 -21.01 -3.03 0.08
C LYS A 252 -19.86 -3.07 -0.93
N GLY A 253 -18.71 -2.55 -0.49
CA GLY A 253 -17.52 -2.46 -1.31
C GLY A 253 -17.37 -1.17 -2.09
N ASP A 254 -18.48 -0.45 -2.32
CA ASP A 254 -18.40 0.78 -3.08
C ASP A 254 -17.44 1.73 -2.37
N LEU A 255 -16.68 2.50 -3.16
CA LEU A 255 -15.81 3.53 -2.57
C LEU A 255 -16.56 4.86 -2.54
N ILE A 256 -16.47 5.54 -1.39
CA ILE A 256 -17.16 6.81 -1.19
CA ILE A 256 -17.16 6.81 -1.17
C ILE A 256 -16.13 7.90 -1.01
N PHE A 257 -16.39 9.04 -1.65
CA PHE A 257 -15.44 10.15 -1.73
C PHE A 257 -15.96 11.40 -1.05
N PHE A 258 -15.04 12.15 -0.47
CA PHE A 258 -15.37 13.41 0.19
C PHE A 258 -14.48 14.49 -0.38
N ALA A 259 -15.07 15.67 -0.63
CA ALA A 259 -14.36 16.75 -1.25
C ALA A 259 -14.51 18.05 -0.46
N HIS A 260 -13.51 18.89 -0.60
CA HIS A 260 -13.53 20.23 0.03
C HIS A 260 -14.71 21.07 -0.44
N ASP A 261 -15.01 22.09 0.34
CA ASP A 261 -16.11 23.04 0.03
C ASP A 261 -17.43 22.33 -0.23
N GLN A 262 -17.89 21.56 0.76
CA GLN A 262 -19.21 20.95 0.74
C GLN A 262 -19.35 20.03 -0.47
N GLY A 263 -18.27 19.35 -0.83
CA GLY A 263 -18.32 18.34 -1.89
C GLY A 263 -18.06 18.86 -3.29
N LYS A 264 -17.80 20.15 -3.42
CA LYS A 264 -17.64 20.80 -4.73
C LYS A 264 -16.22 20.94 -5.23
N GLY A 265 -15.23 20.85 -4.32
CA GLY A 265 -13.84 21.07 -4.64
C GLY A 265 -13.02 19.80 -4.82
N SER A 266 -11.72 19.86 -4.51
CA SER A 266 -10.90 18.70 -4.75
CA SER A 266 -10.83 18.72 -4.67
C SER A 266 -11.26 17.60 -3.74
N VAL A 267 -11.18 16.37 -4.21
CA VAL A 267 -11.39 15.17 -3.40
C VAL A 267 -10.21 15.08 -2.47
N HIS A 268 -10.46 14.85 -1.19
CA HIS A 268 -9.38 14.60 -0.24
C HIS A 268 -9.62 13.45 0.74
N HIS A 269 -10.69 12.67 0.58
CA HIS A 269 -10.88 11.51 1.44
CA HIS A 269 -10.89 11.50 1.45
C HIS A 269 -11.65 10.42 0.70
N VAL A 270 -11.34 9.17 1.03
CA VAL A 270 -12.03 8.04 0.47
C VAL A 270 -12.25 7.02 1.59
N ALA A 271 -13.40 6.38 1.54
CA ALA A 271 -13.77 5.32 2.48
C ALA A 271 -14.47 4.19 1.70
N TYR A 273 -17.74 1.66 1.67
CA TYR A 273 -19.05 1.35 2.22
C TYR A 273 -19.10 -0.09 2.66
N ILE A 274 -19.60 -0.35 3.86
CA ILE A 274 -19.67 -1.73 4.39
C ILE A 274 -21.10 -2.18 4.67
N GLY A 275 -22.06 -1.39 4.18
CA GLY A 275 -23.49 -1.66 4.40
C GLY A 275 -24.05 -1.16 5.72
N ASP A 276 -25.38 -1.19 5.82
CA ASP A 276 -26.11 -0.72 7.00
C ASP A 276 -25.73 0.71 7.42
N GLY A 277 -25.33 1.54 6.46
CA GLY A 277 -25.05 2.95 6.76
C GLY A 277 -23.64 3.23 7.26
N ASN A 278 -22.79 2.21 7.32
CA ASN A 278 -21.42 2.36 7.86
C ASN A 278 -20.33 2.27 6.78
N ILE A 280 -15.75 1.90 6.29
CA ILE A 280 -14.48 1.61 6.87
C ILE A 280 -13.44 2.47 6.15
N HIS A 281 -12.47 3.01 6.91
CA HIS A 281 -11.42 3.85 6.35
C HIS A 281 -10.22 3.97 7.25
N SER A 282 -9.11 4.43 6.67
CA SER A 282 -7.97 4.94 7.43
C SER A 282 -8.00 6.48 7.39
N PRO A 283 -8.45 7.13 8.49
CA PRO A 283 -9.06 8.47 8.22
C PRO A 283 -8.17 9.70 8.28
N ARG A 284 -7.31 9.78 9.30
CA ARG A 284 -6.46 10.94 9.53
CA ARG A 284 -6.43 10.93 9.51
C ARG A 284 -5.44 10.58 10.61
N ALA A 285 -4.38 11.37 10.73
CA ALA A 285 -3.28 11.05 11.63
C ALA A 285 -3.68 10.90 13.11
N GLU A 286 -4.75 11.58 13.50
CA GLU A 286 -5.19 11.54 14.88
C GLU A 286 -5.78 10.17 15.20
N ARG A 287 -6.05 9.36 14.18
CA ARG A 287 -6.83 8.17 14.37
C ARG A 287 -6.22 6.92 13.69
N SER A 288 -7.00 5.85 13.67
CA SER A 288 -6.58 4.56 13.15
C SER A 288 -7.67 4.02 12.27
N VAL A 289 -7.36 2.94 11.56
CA VAL A 289 -8.37 2.25 10.77
C VAL A 289 -9.60 1.98 11.67
N GLU A 290 -10.76 2.40 11.18
CA GLU A 290 -11.97 2.44 11.98
C GLU A 290 -13.21 2.32 11.12
N ILE A 291 -14.31 1.98 11.79
CA ILE A 291 -15.62 1.93 11.16
C ILE A 291 -16.50 3.03 11.76
N ILE A 292 -17.09 3.85 10.94
CA ILE A 292 -17.99 4.94 11.38
C ILE A 292 -19.22 5.08 10.46
N PRO A 293 -20.25 5.79 10.92
CA PRO A 293 -21.38 5.94 10.04
C PRO A 293 -21.03 6.85 8.89
N LEU A 294 -21.68 6.64 7.74
CA LEU A 294 -21.56 7.57 6.62
C LEU A 294 -22.12 8.93 7.02
N ASN A 295 -23.19 8.92 7.81
CA ASN A 295 -23.79 10.10 8.35
C ASN A 295 -23.03 10.61 9.57
N THR A 296 -21.76 10.93 9.41
CA THR A 296 -20.98 11.52 10.50
C THR A 296 -20.78 12.99 10.11
N PRO A 297 -21.01 13.92 11.06
CA PRO A 297 -20.76 15.36 10.85
C PRO A 297 -19.43 15.60 10.23
N GLY A 298 -19.39 16.42 9.19
CA GLY A 298 -18.18 16.70 8.45
C GLY A 298 -18.22 15.88 7.19
N TYR A 299 -18.24 14.56 7.37
CA TYR A 299 -18.22 13.70 6.22
C TYR A 299 -19.44 13.89 5.35
N ILE A 300 -20.59 13.92 5.98
CA ILE A 300 -21.81 13.93 5.20
C ILE A 300 -21.96 15.18 4.34
N GLU A 301 -21.49 16.34 4.82
CA GLU A 301 -21.56 17.59 4.08
C GLU A 301 -20.61 17.63 2.90
N GLU A 302 -19.55 16.82 2.96
CA GLU A 302 -18.51 16.77 1.93
C GLU A 302 -18.67 15.58 0.94
N TYR A 303 -19.73 14.80 1.11
CA TYR A 303 -20.04 13.69 0.23
C TYR A 303 -19.90 14.14 -1.21
N ALA A 304 -19.06 13.45 -1.98
CA ALA A 304 -18.75 13.83 -3.33
C ALA A 304 -18.88 12.68 -4.31
N GLY A 305 -19.70 11.70 -3.99
CA GLY A 305 -20.04 10.63 -4.93
C GLY A 305 -19.42 9.29 -4.56
N ALA A 306 -19.71 8.27 -5.36
CA ALA A 306 -19.30 6.91 -5.05
C ALA A 306 -18.96 6.19 -6.34
N ARG A 307 -17.99 5.26 -6.27
CA ARG A 307 -17.55 4.48 -7.42
C ARG A 307 -17.59 2.98 -7.11
N ARG A 308 -17.93 2.18 -8.12
CA ARG A 308 -17.94 0.73 -8.00
C ARG A 308 -16.87 0.08 -8.88
N TYR A 309 -16.09 -0.80 -8.27
CA TYR A 309 -14.93 -1.37 -8.92
C TYR A 309 -15.10 -2.88 -9.09
N LEU A 310 -16.10 -3.45 -8.42
CA LEU A 310 -16.43 -4.87 -8.54
C LEU A 310 -17.24 -5.09 -9.80
N PRO A 311 -16.92 -6.15 -10.56
CA PRO A 311 -17.63 -6.36 -11.82
C PRO A 311 -19.09 -6.70 -11.61
#